data_5BZ1
#
_entry.id   5BZ1
#
_cell.length_a   106.748
_cell.length_b   106.748
_cell.length_c   167.678
_cell.angle_alpha   90.00
_cell.angle_beta   90.00
_cell.angle_gamma   120.00
#
_symmetry.space_group_name_H-M   'P 61 2 2'
#
loop_
_entity.id
_entity.type
_entity.pdbx_description
1 polymer 'Suppressor protein MPT5'
2 polymer "RNA (5'-R(*UP*GP*UP*AP*UP*UP*UP*GP*UP*A)-3')"
3 water water
#
loop_
_entity_poly.entity_id
_entity_poly.type
_entity_poly.pdbx_seq_one_letter_code
_entity_poly.pdbx_strand_id
1 'polypeptide(L)'
;SMVEISALPLRDLDYIKLATDQFGCRFLQKKLETPSESNMVRDLMYEQIKPFFLDLILDPFGNYLVQKLCDYLTAEQKTL
LIQTIYPNVFQISINQYGTRSLQKIIDTVDNEVQIDLIIKGFSQEFTSIEQVVTLINDLNGNHVIQKCIFKFSPSKFGFI
IDAIVEQNNIITISTHKHGCCVLQKLLSVCTLQQIFKISVKIVQFLPGLINDQFGNYIIQFLLDIKELDFYLLAELFNRL
SNELCQLSCLKFSSNVVEKFIKKLFRIITGFIVNNNGGASQRTAVASDDVINASMNILLTTIDIFTVNLNVLIRDNFGNY
ALQTLLDVKNYSPLLAYNKNSNAIGQNSSSTLNYGNFCNDFSLKIGNLIVLTKELLPSIKTTSYAKKIKLKVKAYAEATG
;
A
2 'polyribonucleotide' UGUAUUUGUA B
#
# COMPACT_ATOMS: atom_id res chain seq x y z
N VAL A 3 -26.00 -34.41 21.58
CA VAL A 3 -27.29 -34.77 22.17
C VAL A 3 -27.09 -35.74 23.33
N GLU A 4 -26.22 -36.73 23.12
CA GLU A 4 -25.83 -37.67 24.15
C GLU A 4 -24.35 -37.48 24.43
N ILE A 5 -23.70 -36.71 23.55
CA ILE A 5 -22.30 -36.34 23.68
C ILE A 5 -22.11 -35.46 24.92
N SER A 6 -23.10 -34.62 25.19
CA SER A 6 -23.06 -33.70 26.32
C SER A 6 -23.23 -34.42 27.66
N ALA A 7 -23.60 -35.69 27.61
CA ALA A 7 -23.78 -36.49 28.83
C ALA A 7 -22.47 -37.20 29.23
N LEU A 8 -21.54 -37.31 28.29
CA LEU A 8 -20.27 -37.97 28.54
C LEU A 8 -19.31 -37.08 29.32
N PRO A 9 -18.46 -37.67 30.16
CA PRO A 9 -17.39 -36.90 30.80
C PRO A 9 -16.38 -36.42 29.75
N LEU A 10 -15.82 -35.24 29.94
CA LEU A 10 -14.90 -34.65 28.96
C LEU A 10 -13.67 -35.53 28.75
N ARG A 11 -13.34 -36.30 29.78
CA ARG A 11 -12.20 -37.22 29.80
C ARG A 11 -12.30 -38.29 28.71
N ASP A 12 -13.53 -38.57 28.27
CA ASP A 12 -13.79 -39.70 27.37
C ASP A 12 -14.24 -39.27 25.96
N LEU A 13 -14.20 -37.98 25.68
CA LEU A 13 -14.59 -37.49 24.36
C LEU A 13 -13.52 -37.80 23.31
N ASP A 14 -13.96 -38.09 22.09
CA ASP A 14 -13.03 -38.28 20.98
C ASP A 14 -12.82 -36.93 20.28
N TYR A 15 -11.85 -36.17 20.78
CA TYR A 15 -11.67 -34.78 20.37
C TYR A 15 -11.31 -34.58 18.90
N ILE A 16 -10.47 -35.44 18.34
CA ILE A 16 -10.09 -35.28 16.93
C ILE A 16 -11.27 -35.50 15.99
N LYS A 17 -12.16 -36.43 16.36
CA LYS A 17 -13.35 -36.70 15.56
C LYS A 17 -14.35 -35.54 15.67
N LEU A 18 -14.50 -35.00 16.87
CA LEU A 18 -15.37 -33.85 17.09
C LEU A 18 -14.83 -32.60 16.38
N ALA A 19 -13.51 -32.47 16.34
CA ALA A 19 -12.85 -31.29 15.78
C ALA A 19 -13.20 -31.03 14.31
N THR A 20 -13.24 -32.10 13.52
CA THR A 20 -13.51 -32.00 12.08
C THR A 20 -14.99 -32.17 11.75
N ASP A 21 -15.82 -32.22 12.78
CA ASP A 21 -17.26 -32.30 12.60
C ASP A 21 -17.86 -30.94 12.94
N GLN A 22 -18.85 -30.48 12.17
CA GLN A 22 -19.39 -29.13 12.38
C GLN A 22 -19.98 -28.96 13.77
N PHE A 23 -20.84 -29.89 14.17
CA PHE A 23 -21.51 -29.77 15.46
C PHE A 23 -20.64 -30.23 16.61
N GLY A 24 -19.70 -31.13 16.34
CA GLY A 24 -18.71 -31.50 17.33
C GLY A 24 -17.85 -30.29 17.64
N CYS A 25 -17.48 -29.56 16.60
CA CYS A 25 -16.64 -28.38 16.75
C CYS A 25 -17.34 -27.24 17.49
N ARG A 26 -18.60 -27.00 17.14
CA ARG A 26 -19.40 -25.99 17.84
C ARG A 26 -19.56 -26.36 19.31
N PHE A 27 -19.67 -27.66 19.59
CA PHE A 27 -19.79 -28.17 20.95
C PHE A 27 -18.51 -27.87 21.74
N LEU A 28 -17.35 -28.12 21.13
CA LEU A 28 -16.08 -27.87 21.80
C LEU A 28 -15.85 -26.38 22.06
N GLN A 29 -16.31 -25.55 21.12
CA GLN A 29 -16.20 -24.10 21.28
C GLN A 29 -17.06 -23.60 22.44
N LYS A 30 -18.27 -24.16 22.56
CA LYS A 30 -19.16 -23.82 23.66
C LYS A 30 -18.55 -24.21 25.00
N LYS A 31 -17.87 -25.36 25.01
CA LYS A 31 -17.22 -25.85 26.22
C LYS A 31 -16.06 -24.92 26.62
N LEU A 32 -15.31 -24.45 25.62
CA LEU A 32 -14.24 -23.49 25.86
C LEU A 32 -14.78 -22.18 26.41
N GLU A 33 -16.02 -21.87 26.04
CA GLU A 33 -16.69 -20.66 26.50
C GLU A 33 -17.39 -20.88 27.85
N THR A 34 -17.31 -22.10 28.36
CA THR A 34 -17.90 -22.45 29.66
C THR A 34 -16.83 -22.39 30.74
N PRO A 35 -16.87 -21.31 31.56
CA PRO A 35 -15.85 -20.98 32.56
C PRO A 35 -15.48 -22.15 33.47
N SER A 36 -16.47 -22.88 33.96
CA SER A 36 -16.22 -24.01 34.84
C SER A 36 -15.39 -25.12 34.18
N GLU A 37 -15.56 -25.27 32.86
CA GLU A 37 -14.96 -26.40 32.15
C GLU A 37 -13.90 -25.99 31.14
N SER A 38 -13.73 -24.68 30.95
CA SER A 38 -12.83 -24.14 29.92
C SER A 38 -11.41 -24.73 29.97
N ASN A 39 -10.73 -24.54 31.10
CA ASN A 39 -9.37 -25.04 31.26
C ASN A 39 -9.25 -26.56 31.05
N MET A 40 -10.19 -27.31 31.60
CA MET A 40 -10.13 -28.77 31.49
C MET A 40 -10.39 -29.28 30.08
N VAL A 41 -11.39 -28.73 29.40
CA VAL A 41 -11.66 -29.13 28.03
C VAL A 41 -10.52 -28.69 27.12
N ARG A 42 -9.87 -27.58 27.47
CA ARG A 42 -8.77 -27.05 26.68
C ARG A 42 -7.58 -28.02 26.76
N ASP A 43 -7.21 -28.38 27.98
CA ASP A 43 -6.06 -29.24 28.23
C ASP A 43 -6.27 -30.66 27.68
N LEU A 44 -7.46 -31.22 27.86
CA LEU A 44 -7.77 -32.56 27.35
C LEU A 44 -7.73 -32.58 25.82
N MET A 45 -8.40 -31.60 25.21
CA MET A 45 -8.45 -31.44 23.77
C MET A 45 -7.06 -31.31 23.17
N TYR A 46 -6.24 -30.47 23.80
CA TYR A 46 -4.91 -30.11 23.30
C TYR A 46 -4.02 -31.33 23.08
N GLU A 47 -3.94 -32.19 24.09
CA GLU A 47 -3.06 -33.35 24.03
C GLU A 47 -3.45 -34.33 22.93
N GLN A 48 -4.74 -34.39 22.62
CA GLN A 48 -5.23 -35.32 21.61
C GLN A 48 -5.16 -34.76 20.18
N ILE A 49 -5.24 -33.44 20.03
CA ILE A 49 -5.28 -32.86 18.70
C ILE A 49 -3.93 -32.31 18.22
N LYS A 50 -2.96 -32.21 19.13
CA LYS A 50 -1.64 -31.66 18.78
C LYS A 50 -0.88 -32.35 17.62
N PRO A 51 -1.05 -33.67 17.42
CA PRO A 51 -0.39 -34.22 16.23
C PRO A 51 -1.09 -33.77 14.94
N PHE A 52 -2.28 -33.18 15.06
CA PHE A 52 -3.09 -32.85 13.89
C PHE A 52 -3.27 -31.34 13.70
N PHE A 53 -2.39 -30.55 14.32
CA PHE A 53 -2.48 -29.09 14.25
C PHE A 53 -2.60 -28.56 12.82
N LEU A 54 -1.73 -29.03 11.93
CA LEU A 54 -1.76 -28.58 10.54
C LEU A 54 -3.05 -28.99 9.84
N ASP A 55 -3.48 -30.23 10.10
CA ASP A 55 -4.69 -30.76 9.49
C ASP A 55 -5.92 -29.92 9.88
N LEU A 56 -6.03 -29.62 11.17
CA LEU A 56 -7.15 -28.85 11.69
C LEU A 56 -7.17 -27.41 11.18
N ILE A 57 -5.99 -26.80 11.14
CA ILE A 57 -5.83 -25.43 10.63
C ILE A 57 -6.38 -25.30 9.20
N LEU A 58 -6.27 -26.37 8.43
CA LEU A 58 -6.72 -26.38 7.05
C LEU A 58 -8.16 -26.90 6.89
N ASP A 59 -8.79 -27.28 8.00
CA ASP A 59 -10.09 -27.95 7.95
C ASP A 59 -11.25 -26.95 7.95
N PRO A 60 -12.29 -27.24 7.16
CA PRO A 60 -13.48 -26.37 7.04
C PRO A 60 -14.13 -26.07 8.40
N PHE A 61 -14.05 -27.02 9.33
CA PHE A 61 -14.62 -26.83 10.65
C PHE A 61 -13.54 -26.74 11.73
N GLY A 62 -12.45 -27.50 11.54
CA GLY A 62 -11.32 -27.44 12.45
C GLY A 62 -10.70 -26.07 12.62
N ASN A 63 -10.74 -25.26 11.55
CA ASN A 63 -10.17 -23.92 11.60
C ASN A 63 -10.89 -23.03 12.61
N TYR A 64 -12.19 -23.26 12.79
CA TYR A 64 -12.96 -22.53 13.78
C TYR A 64 -12.53 -22.90 15.21
N LEU A 65 -12.23 -24.17 15.43
CA LEU A 65 -11.77 -24.61 16.75
C LEU A 65 -10.40 -24.04 17.08
N VAL A 66 -9.48 -24.12 16.12
CA VAL A 66 -8.13 -23.58 16.30
C VAL A 66 -8.16 -22.09 16.67
N GLN A 67 -8.99 -21.33 15.95
CA GLN A 67 -9.14 -19.90 16.23
C GLN A 67 -9.69 -19.64 17.63
N LYS A 68 -10.71 -20.41 18.02
CA LYS A 68 -11.29 -20.27 19.35
C LYS A 68 -10.24 -20.58 20.41
N LEU A 69 -9.51 -21.66 20.18
CA LEU A 69 -8.45 -22.11 21.06
C LEU A 69 -7.42 -21.01 21.33
N CYS A 70 -7.15 -20.18 20.32
CA CYS A 70 -6.21 -19.07 20.44
C CYS A 70 -6.59 -18.09 21.55
N ASP A 71 -7.86 -18.05 21.93
CA ASP A 71 -8.32 -17.16 22.98
C ASP A 71 -8.12 -17.74 24.38
N TYR A 72 -7.71 -19.01 24.45
CA TYR A 72 -7.66 -19.71 25.73
C TYR A 72 -6.33 -20.41 26.04
N LEU A 73 -5.54 -20.70 25.00
CA LEU A 73 -4.26 -21.40 25.16
C LEU A 73 -3.29 -20.68 26.10
N THR A 74 -2.56 -21.45 26.90
CA THR A 74 -1.46 -20.89 27.69
C THR A 74 -0.36 -20.49 26.73
N ALA A 75 0.59 -19.70 27.21
CA ALA A 75 1.73 -19.30 26.40
C ALA A 75 2.52 -20.53 25.93
N GLU A 76 2.70 -21.48 26.84
CA GLU A 76 3.38 -22.73 26.52
C GLU A 76 2.65 -23.47 25.41
N GLN A 77 1.34 -23.60 25.54
CA GLN A 77 0.52 -24.31 24.55
C GLN A 77 0.58 -23.64 23.17
N LYS A 78 0.54 -22.31 23.14
CA LYS A 78 0.57 -21.60 21.86
C LYS A 78 1.94 -21.67 21.19
N THR A 79 2.99 -21.63 22.00
CA THR A 79 4.36 -21.76 21.49
C THR A 79 4.57 -23.13 20.84
N LEU A 80 4.06 -24.18 21.48
CA LEU A 80 4.17 -25.53 20.93
C LEU A 80 3.38 -25.66 19.63
N LEU A 81 2.19 -25.07 19.59
CA LEU A 81 1.38 -25.05 18.37
C LEU A 81 2.13 -24.40 17.21
N ILE A 82 2.74 -23.25 17.48
CA ILE A 82 3.48 -22.51 16.46
C ILE A 82 4.75 -23.26 16.07
N GLN A 83 5.41 -23.88 17.05
CA GLN A 83 6.58 -24.70 16.79
C GLN A 83 6.26 -25.83 15.82
N THR A 84 5.03 -26.35 15.90
CA THR A 84 4.62 -27.48 15.09
C THR A 84 4.39 -27.08 13.62
N ILE A 85 3.84 -25.89 13.40
CA ILE A 85 3.35 -25.53 12.07
C ILE A 85 4.11 -24.42 11.34
N TYR A 86 5.08 -23.79 11.98
CA TYR A 86 5.80 -22.68 11.34
C TYR A 86 6.46 -23.02 9.99
N PRO A 87 6.97 -24.26 9.81
CA PRO A 87 7.51 -24.52 8.46
C PRO A 87 6.45 -24.51 7.36
N ASN A 88 5.16 -24.58 7.73
CA ASN A 88 4.10 -24.73 6.75
C ASN A 88 3.29 -23.47 6.45
N VAL A 89 3.83 -22.31 6.83
CA VAL A 89 3.09 -21.05 6.71
C VAL A 89 2.67 -20.69 5.28
N PHE A 90 3.45 -21.10 4.28
CA PHE A 90 3.07 -20.85 2.89
C PHE A 90 1.81 -21.63 2.53
N GLN A 91 1.83 -22.93 2.82
CA GLN A 91 0.69 -23.80 2.54
C GLN A 91 -0.55 -23.32 3.27
N ILE A 92 -0.37 -22.89 4.51
CA ILE A 92 -1.47 -22.40 5.32
C ILE A 92 -2.04 -21.08 4.78
N SER A 93 -1.16 -20.17 4.40
CA SER A 93 -1.58 -18.83 3.98
C SER A 93 -2.38 -18.80 2.67
N ILE A 94 -2.07 -19.72 1.75
CA ILE A 94 -2.79 -19.80 0.49
C ILE A 94 -4.10 -20.57 0.63
N ASN A 95 -4.30 -21.18 1.79
CA ASN A 95 -5.51 -21.97 2.03
C ASN A 95 -6.66 -21.10 2.51
N GLN A 96 -7.86 -21.36 2.00
CA GLN A 96 -9.02 -20.52 2.32
C GLN A 96 -9.40 -20.64 3.78
N TYR A 97 -9.10 -21.79 4.38
CA TYR A 97 -9.36 -22.00 5.80
C TYR A 97 -8.10 -21.69 6.60
N GLY A 98 -6.95 -22.07 6.06
CA GLY A 98 -5.68 -21.83 6.71
C GLY A 98 -5.39 -20.37 7.01
N THR A 99 -5.71 -19.50 6.05
CA THR A 99 -5.46 -18.07 6.22
C THR A 99 -6.22 -17.50 7.42
N ARG A 100 -7.43 -18.00 7.68
CA ARG A 100 -8.23 -17.53 8.81
C ARG A 100 -7.58 -17.97 10.12
N SER A 101 -7.13 -19.22 10.17
CA SER A 101 -6.43 -19.76 11.32
C SER A 101 -5.15 -18.97 11.63
N LEU A 102 -4.34 -18.73 10.60
CA LEU A 102 -3.05 -18.08 10.77
C LEU A 102 -3.17 -16.61 11.17
N GLN A 103 -4.16 -15.92 10.58
CA GLN A 103 -4.44 -14.53 10.95
C GLN A 103 -4.75 -14.42 12.44
N LYS A 104 -5.56 -15.36 12.94
CA LYS A 104 -5.93 -15.38 14.35
C LYS A 104 -4.71 -15.67 15.24
N ILE A 105 -3.89 -16.63 14.81
CA ILE A 105 -2.69 -16.99 15.54
C ILE A 105 -1.74 -15.80 15.68
N ILE A 106 -1.44 -15.15 14.56
CA ILE A 106 -0.63 -13.93 14.55
C ILE A 106 -1.25 -12.87 15.45
N ASP A 107 -2.57 -12.72 15.38
CA ASP A 107 -3.27 -11.68 16.10
C ASP A 107 -3.21 -11.86 17.62
N THR A 108 -2.92 -13.09 18.06
CA THR A 108 -2.91 -13.41 19.48
C THR A 108 -1.58 -13.96 19.99
N VAL A 109 -0.47 -13.60 19.36
CA VAL A 109 0.85 -14.03 19.85
C VAL A 109 1.10 -13.49 21.26
N ASP A 110 1.75 -14.28 22.09
CA ASP A 110 1.98 -13.93 23.49
C ASP A 110 3.31 -13.20 23.69
N ASN A 111 4.29 -13.52 22.87
CA ASN A 111 5.65 -13.05 23.10
C ASN A 111 6.53 -13.07 21.85
N GLU A 112 7.77 -12.59 22.02
CA GLU A 112 8.74 -12.48 20.94
C GLU A 112 9.14 -13.84 20.37
N VAL A 113 9.24 -14.84 21.24
CA VAL A 113 9.59 -16.18 20.83
C VAL A 113 8.64 -16.70 19.75
N GLN A 114 7.34 -16.52 19.98
CA GLN A 114 6.33 -16.94 19.03
C GLN A 114 6.41 -16.18 17.72
N ILE A 115 6.64 -14.87 17.81
CA ILE A 115 6.77 -14.02 16.63
C ILE A 115 7.96 -14.45 15.78
N ASP A 116 9.09 -14.70 16.42
CA ASP A 116 10.30 -15.12 15.71
C ASP A 116 10.16 -16.49 15.03
N LEU A 117 9.42 -17.40 15.65
CA LEU A 117 9.13 -18.70 15.04
C LEU A 117 8.33 -18.51 13.74
N ILE A 118 7.29 -17.70 13.80
CA ILE A 118 6.48 -17.38 12.63
C ILE A 118 7.34 -16.74 11.53
N ILE A 119 8.15 -15.76 11.91
CA ILE A 119 9.05 -15.08 10.98
C ILE A 119 10.06 -16.06 10.38
N LYS A 120 10.50 -17.03 11.18
CA LYS A 120 11.41 -18.05 10.70
C LYS A 120 10.76 -18.90 9.60
N GLY A 121 9.46 -19.16 9.75
CA GLY A 121 8.74 -19.94 8.77
C GLY A 121 8.62 -19.23 7.43
N PHE A 122 8.57 -17.90 7.47
CA PHE A 122 8.48 -17.11 6.27
C PHE A 122 9.86 -16.80 5.66
N SER A 123 10.91 -17.22 6.35
CA SER A 123 12.28 -17.02 5.85
C SER A 123 12.58 -18.01 4.73
N GLN A 124 13.67 -17.76 4.01
CA GLN A 124 14.05 -18.60 2.87
C GLN A 124 14.39 -20.04 3.24
N GLU A 125 14.59 -20.29 4.53
CA GLU A 125 14.84 -21.65 4.99
C GLU A 125 13.62 -22.54 4.72
N PHE A 126 12.44 -21.95 4.74
CA PHE A 126 11.19 -22.70 4.57
C PHE A 126 10.27 -22.16 3.47
N THR A 127 10.46 -20.88 3.13
CA THR A 127 9.61 -20.23 2.13
C THR A 127 10.44 -19.41 1.15
N SER A 128 10.35 -19.74 -0.13
CA SER A 128 11.16 -19.07 -1.15
C SER A 128 10.68 -17.64 -1.40
N ILE A 129 11.57 -16.81 -1.94
CA ILE A 129 11.22 -15.44 -2.33
C ILE A 129 10.04 -15.45 -3.31
N GLU A 130 10.11 -16.35 -4.27
CA GLU A 130 9.04 -16.53 -5.25
C GLU A 130 7.71 -16.85 -4.56
N GLN A 131 7.78 -17.68 -3.51
CA GLN A 131 6.59 -18.02 -2.74
C GLN A 131 6.05 -16.82 -1.96
N VAL A 132 6.95 -15.98 -1.45
CA VAL A 132 6.54 -14.76 -0.73
C VAL A 132 5.80 -13.80 -1.66
N VAL A 133 6.33 -13.62 -2.87
CA VAL A 133 5.66 -12.79 -3.87
C VAL A 133 4.25 -13.34 -4.13
N THR A 134 4.17 -14.65 -4.30
CA THR A 134 2.89 -15.33 -4.48
C THR A 134 1.92 -15.03 -3.32
N LEU A 135 2.42 -15.09 -2.09
CA LEU A 135 1.61 -14.76 -0.92
C LEU A 135 1.08 -13.32 -0.96
N ILE A 136 1.95 -12.39 -1.35
CA ILE A 136 1.59 -10.98 -1.42
C ILE A 136 0.42 -10.76 -2.38
N ASN A 137 0.42 -11.49 -3.48
CA ASN A 137 -0.62 -11.35 -4.50
C ASN A 137 -1.79 -12.33 -4.36
N ASP A 138 -1.64 -13.32 -3.50
CA ASP A 138 -2.65 -14.38 -3.38
C ASP A 138 -3.93 -13.90 -2.69
N LEU A 139 -5.06 -14.34 -3.23
CA LEU A 139 -6.39 -14.03 -2.72
C LEU A 139 -6.50 -14.25 -1.20
N ASN A 140 -5.91 -15.35 -0.73
CA ASN A 140 -5.96 -15.68 0.70
C ASN A 140 -4.71 -15.22 1.45
N GLY A 141 -3.56 -15.41 0.82
CA GLY A 141 -2.27 -15.12 1.45
C GLY A 141 -2.02 -13.65 1.77
N ASN A 142 -2.56 -12.74 0.96
CA ASN A 142 -2.29 -11.33 1.15
C ASN A 142 -2.81 -10.81 2.49
N HIS A 143 -3.82 -11.50 3.03
CA HIS A 143 -4.37 -11.13 4.33
C HIS A 143 -3.41 -11.50 5.46
N VAL A 144 -2.70 -12.60 5.29
CA VAL A 144 -1.68 -13.02 6.24
C VAL A 144 -0.50 -12.04 6.25
N ILE A 145 -0.04 -11.65 5.06
CA ILE A 145 1.04 -10.68 4.95
C ILE A 145 0.63 -9.36 5.60
N GLN A 146 -0.58 -8.91 5.33
CA GLN A 146 -1.09 -7.68 5.91
C GLN A 146 -1.18 -7.76 7.43
N LYS A 147 -1.58 -8.92 7.93
CA LYS A 147 -1.67 -9.12 9.38
C LYS A 147 -0.28 -9.01 10.02
N CYS A 148 0.73 -9.61 9.39
CA CYS A 148 2.12 -9.48 9.85
C CYS A 148 2.54 -8.02 9.89
N ILE A 149 2.18 -7.28 8.84
CA ILE A 149 2.56 -5.89 8.68
C ILE A 149 2.03 -5.00 9.81
N PHE A 150 0.80 -5.29 10.25
CA PHE A 150 0.19 -4.47 11.30
C PHE A 150 0.42 -4.97 12.72
N LYS A 151 0.76 -6.25 12.85
CA LYS A 151 0.96 -6.86 14.18
C LYS A 151 2.43 -6.86 14.62
N PHE A 152 3.34 -7.08 13.68
CA PHE A 152 4.76 -7.25 14.01
C PHE A 152 5.55 -5.95 13.88
N SER A 153 6.68 -5.88 14.58
CA SER A 153 7.61 -4.77 14.43
C SER A 153 8.25 -4.79 13.04
N PRO A 154 8.47 -3.61 12.46
CA PRO A 154 9.14 -3.49 11.16
C PRO A 154 10.52 -4.16 11.13
N SER A 155 11.14 -4.34 12.30
CA SER A 155 12.40 -5.06 12.39
C SER A 155 12.26 -6.53 11.94
N LYS A 156 11.02 -6.98 11.77
CA LYS A 156 10.75 -8.35 11.33
C LYS A 156 10.40 -8.43 9.85
N PHE A 157 10.27 -7.27 9.20
CA PHE A 157 9.77 -7.21 7.82
C PHE A 157 10.76 -7.72 6.76
N GLY A 158 11.89 -8.26 7.21
CA GLY A 158 12.96 -8.70 6.33
C GLY A 158 12.56 -9.55 5.13
N PHE A 159 11.76 -10.58 5.36
CA PHE A 159 11.37 -11.49 4.29
C PHE A 159 10.47 -10.84 3.24
N ILE A 160 9.72 -9.82 3.67
CA ILE A 160 8.86 -9.07 2.76
C ILE A 160 9.69 -8.11 1.92
N ILE A 161 10.53 -7.32 2.56
CA ILE A 161 11.42 -6.39 1.87
C ILE A 161 12.27 -7.14 0.84
N ASP A 162 12.88 -8.24 1.28
CA ASP A 162 13.75 -9.04 0.41
C ASP A 162 13.05 -9.52 -0.85
N ALA A 163 11.81 -9.97 -0.70
CA ALA A 163 11.02 -10.45 -1.84
C ALA A 163 10.71 -9.32 -2.83
N ILE A 164 10.38 -8.15 -2.30
CA ILE A 164 9.99 -7.01 -3.11
C ILE A 164 11.14 -6.48 -3.97
N VAL A 165 12.32 -6.33 -3.37
CA VAL A 165 13.45 -5.71 -4.05
C VAL A 165 14.22 -6.67 -4.95
N GLU A 166 13.88 -7.96 -4.90
CA GLU A 166 14.56 -8.96 -5.72
C GLU A 166 14.23 -8.77 -7.20
N GLN A 167 15.26 -8.48 -8.00
CA GLN A 167 15.12 -8.31 -9.45
C GLN A 167 14.01 -7.34 -9.84
N ASN A 168 12.98 -7.83 -10.51
CA ASN A 168 11.87 -6.98 -10.95
C ASN A 168 10.55 -7.29 -10.26
N ASN A 169 10.62 -7.89 -9.07
CA ASN A 169 9.43 -8.22 -8.30
C ASN A 169 8.59 -6.99 -7.95
N ILE A 170 9.20 -5.80 -7.95
CA ILE A 170 8.45 -4.57 -7.69
C ILE A 170 7.33 -4.39 -8.71
N ILE A 171 7.57 -4.84 -9.94
CA ILE A 171 6.55 -4.80 -10.99
C ILE A 171 5.44 -5.82 -10.68
N THR A 172 5.84 -7.07 -10.48
CA THR A 172 4.90 -8.16 -10.19
C THR A 172 3.93 -7.80 -9.07
N ILE A 173 4.42 -7.08 -8.07
CA ILE A 173 3.63 -6.67 -6.92
C ILE A 173 2.80 -5.39 -7.16
N SER A 174 3.45 -4.34 -7.65
CA SER A 174 2.80 -3.03 -7.79
C SER A 174 1.69 -3.02 -8.85
N THR A 175 1.81 -3.89 -9.84
CA THR A 175 0.84 -3.94 -10.93
C THR A 175 -0.23 -5.00 -10.69
N HIS A 176 -0.27 -5.54 -9.48
CA HIS A 176 -1.28 -6.52 -9.12
C HIS A 176 -2.35 -5.90 -8.22
N LYS A 177 -3.60 -6.30 -8.45
CA LYS A 177 -4.77 -5.80 -7.72
C LYS A 177 -4.61 -5.86 -6.20
N HIS A 178 -4.10 -6.99 -5.70
CA HIS A 178 -3.92 -7.18 -4.27
C HIS A 178 -2.55 -6.68 -3.80
N GLY A 179 -1.51 -6.99 -4.58
CA GLY A 179 -0.17 -6.58 -4.24
C GLY A 179 0.01 -5.09 -4.04
N CYS A 180 -0.67 -4.28 -4.86
CA CYS A 180 -0.61 -2.83 -4.76
CA CYS A 180 -0.56 -2.84 -4.73
C CYS A 180 -1.11 -2.35 -3.40
N CYS A 181 -2.16 -3.00 -2.90
CA CYS A 181 -2.74 -2.64 -1.61
C CYS A 181 -1.82 -3.05 -0.45
N VAL A 182 -1.26 -4.25 -0.54
CA VAL A 182 -0.33 -4.75 0.46
C VAL A 182 0.89 -3.82 0.57
N LEU A 183 1.43 -3.42 -0.58
CA LEU A 183 2.62 -2.57 -0.63
C LEU A 183 2.37 -1.21 0.04
N GLN A 184 1.18 -0.66 -0.16
CA GLN A 184 0.81 0.60 0.48
C GLN A 184 0.70 0.46 1.99
N LYS A 185 0.16 -0.66 2.45
CA LYS A 185 0.09 -0.94 3.89
C LYS A 185 1.49 -0.99 4.48
N LEU A 186 2.37 -1.73 3.81
CA LEU A 186 3.76 -1.87 4.22
C LEU A 186 4.45 -0.51 4.32
N LEU A 187 4.31 0.30 3.27
CA LEU A 187 4.98 1.60 3.19
C LEU A 187 4.49 2.56 4.27
N SER A 188 3.27 2.35 4.76
CA SER A 188 2.68 3.25 5.74
C SER A 188 3.20 3.00 7.16
N VAL A 189 3.86 1.87 7.38
CA VAL A 189 4.34 1.52 8.72
C VAL A 189 5.84 1.17 8.80
N CYS A 190 6.46 0.83 7.68
CA CYS A 190 7.84 0.38 7.70
C CYS A 190 8.84 1.52 7.94
N THR A 191 10.09 1.18 8.21
CA THR A 191 11.10 2.20 8.54
C THR A 191 11.51 3.00 7.31
N LEU A 192 12.07 4.18 7.55
CA LEU A 192 12.49 5.07 6.47
C LEU A 192 13.48 4.37 5.54
N GLN A 193 14.45 3.68 6.12
CA GLN A 193 15.47 2.97 5.35
C GLN A 193 14.90 1.81 4.53
N GLN A 194 13.82 1.21 5.03
CA GLN A 194 13.11 0.18 4.27
C GLN A 194 12.35 0.80 3.10
N ILE A 195 11.80 2.00 3.30
CA ILE A 195 11.13 2.73 2.22
C ILE A 195 12.12 3.06 1.10
N PHE A 196 13.31 3.48 1.49
CA PHE A 196 14.38 3.80 0.54
C PHE A 196 14.70 2.65 -0.40
N LYS A 197 14.93 1.47 0.18
CA LYS A 197 15.27 0.27 -0.61
C LYS A 197 14.19 -0.06 -1.63
N ILE A 198 12.93 0.11 -1.24
CA ILE A 198 11.80 -0.15 -2.12
C ILE A 198 11.69 0.94 -3.20
N SER A 199 11.92 2.19 -2.79
CA SER A 199 11.85 3.32 -3.72
C SER A 199 12.90 3.24 -4.82
N VAL A 200 14.10 2.78 -4.48
CA VAL A 200 15.14 2.57 -5.47
C VAL A 200 14.63 1.65 -6.58
N LYS A 201 13.98 0.57 -6.19
CA LYS A 201 13.43 -0.38 -7.16
C LYS A 201 12.24 0.22 -7.93
N ILE A 202 11.41 0.99 -7.24
CA ILE A 202 10.27 1.66 -7.87
C ILE A 202 10.74 2.64 -8.96
N VAL A 203 11.77 3.42 -8.64
CA VAL A 203 12.34 4.36 -9.60
C VAL A 203 12.99 3.62 -10.77
N GLN A 204 13.69 2.53 -10.47
CA GLN A 204 14.35 1.72 -11.49
C GLN A 204 13.38 1.20 -12.54
N PHE A 205 12.18 0.82 -12.10
CA PHE A 205 11.18 0.26 -12.99
C PHE A 205 10.00 1.19 -13.21
N LEU A 206 10.25 2.49 -13.10
CA LEU A 206 9.23 3.52 -13.29
C LEU A 206 8.37 3.40 -14.56
N PRO A 207 9.01 3.13 -15.73
CA PRO A 207 8.18 3.06 -16.95
C PRO A 207 7.12 1.96 -16.91
N GLY A 208 7.36 0.89 -16.16
CA GLY A 208 6.38 -0.19 -16.07
C GLY A 208 5.36 0.02 -14.98
N LEU A 209 5.46 1.16 -14.29
CA LEU A 209 4.61 1.43 -13.14
C LEU A 209 3.73 2.67 -13.35
N ILE A 210 4.30 3.70 -13.97
CA ILE A 210 3.68 5.02 -13.98
C ILE A 210 2.32 5.10 -14.69
N ASN A 211 2.15 4.33 -15.76
CA ASN A 211 0.84 4.27 -16.42
C ASN A 211 0.15 2.91 -16.25
N ASP A 212 0.55 2.16 -15.23
CA ASP A 212 -0.15 0.92 -14.94
C ASP A 212 -1.42 1.21 -14.14
N GLN A 213 -2.44 0.39 -14.32
CA GLN A 213 -3.73 0.60 -13.66
C GLN A 213 -3.63 0.62 -12.14
N PHE A 214 -2.67 -0.13 -11.59
CA PHE A 214 -2.47 -0.17 -10.15
C PHE A 214 -1.16 0.51 -9.77
N GLY A 215 -0.15 0.38 -10.64
CA GLY A 215 1.16 0.95 -10.38
C GLY A 215 1.13 2.45 -10.15
N ASN A 216 0.23 3.14 -10.83
CA ASN A 216 0.13 4.58 -10.73
C ASN A 216 -0.20 5.02 -9.30
N TYR A 217 -0.95 4.18 -8.58
CA TYR A 217 -1.31 4.48 -7.20
C TYR A 217 -0.08 4.41 -6.28
N ILE A 218 0.86 3.53 -6.62
CA ILE A 218 2.08 3.38 -5.86
C ILE A 218 2.98 4.61 -5.98
N ILE A 219 3.13 5.14 -7.19
CA ILE A 219 3.90 6.36 -7.40
C ILE A 219 3.28 7.50 -6.59
N GLN A 220 1.95 7.62 -6.67
CA GLN A 220 1.23 8.64 -5.94
C GLN A 220 1.41 8.50 -4.43
N PHE A 221 1.47 7.25 -3.95
CA PHE A 221 1.66 7.01 -2.53
C PHE A 221 3.03 7.52 -2.05
N LEU A 222 4.06 7.27 -2.86
CA LEU A 222 5.39 7.78 -2.56
C LEU A 222 5.39 9.31 -2.47
N LEU A 223 4.64 9.95 -3.35
CA LEU A 223 4.60 11.41 -3.43
C LEU A 223 3.97 12.05 -2.19
N ASP A 224 3.29 11.23 -1.38
CA ASP A 224 2.69 11.70 -0.13
C ASP A 224 3.61 11.51 1.08
N ILE A 225 4.73 10.82 0.87
CA ILE A 225 5.71 10.63 1.94
C ILE A 225 6.72 11.78 1.95
N LYS A 226 6.54 12.71 2.90
CA LYS A 226 7.32 13.94 2.97
C LYS A 226 8.82 13.71 3.14
N GLU A 227 9.20 12.67 3.86
CA GLU A 227 10.59 12.37 4.11
C GLU A 227 11.35 11.97 2.84
N LEU A 228 10.61 11.75 1.75
CA LEU A 228 11.20 11.37 0.47
C LEU A 228 11.43 12.58 -0.44
N ASP A 229 10.85 13.72 -0.07
CA ASP A 229 10.89 14.94 -0.89
C ASP A 229 12.29 15.30 -1.41
N PHE A 230 13.29 15.13 -0.56
CA PHE A 230 14.65 15.59 -0.85
C PHE A 230 15.29 14.94 -2.08
N TYR A 231 14.79 13.78 -2.50
CA TYR A 231 15.33 13.10 -3.68
C TYR A 231 14.25 12.72 -4.70
N LEU A 232 13.06 12.37 -4.24
CA LEU A 232 12.04 11.79 -5.11
C LEU A 232 11.56 12.73 -6.22
N LEU A 233 11.39 14.01 -5.89
CA LEU A 233 10.94 15.01 -6.87
C LEU A 233 11.88 15.10 -8.06
N ALA A 234 13.14 15.43 -7.79
CA ALA A 234 14.15 15.52 -8.84
C ALA A 234 14.35 14.18 -9.55
N GLU A 235 14.37 13.09 -8.79
CA GLU A 235 14.57 11.76 -9.36
C GLU A 235 13.46 11.43 -10.34
N LEU A 236 12.21 11.60 -9.92
CA LEU A 236 11.06 11.40 -10.79
C LEU A 236 11.13 12.31 -12.01
N PHE A 237 11.38 13.60 -11.79
CA PHE A 237 11.37 14.54 -12.90
C PHE A 237 12.47 14.27 -13.91
N ASN A 238 13.64 13.87 -13.43
CA ASN A 238 14.75 13.54 -14.32
C ASN A 238 14.41 12.36 -15.24
N ARG A 239 13.72 11.37 -14.68
CA ARG A 239 13.37 10.15 -15.42
C ARG A 239 12.20 10.36 -16.38
N LEU A 240 11.39 11.38 -16.12
CA LEU A 240 10.12 11.55 -16.83
C LEU A 240 9.97 12.82 -17.66
N SER A 241 10.77 13.84 -17.38
CA SER A 241 10.60 15.16 -17.99
C SER A 241 10.47 15.11 -19.51
N ASN A 242 11.25 14.25 -20.14
CA ASN A 242 11.24 14.12 -21.60
C ASN A 242 9.95 13.49 -22.15
N GLU A 243 9.19 12.82 -21.29
CA GLU A 243 7.93 12.21 -21.69
C GLU A 243 6.74 12.85 -20.97
N LEU A 244 6.95 14.04 -20.41
CA LEU A 244 5.95 14.66 -19.55
C LEU A 244 4.63 14.92 -20.27
N CYS A 245 4.70 15.33 -21.53
CA CYS A 245 3.49 15.60 -22.31
C CYS A 245 2.71 14.31 -22.59
N GLN A 246 3.40 13.27 -23.04
CA GLN A 246 2.73 12.00 -23.33
C GLN A 246 2.12 11.37 -22.09
N LEU A 247 2.87 11.37 -20.98
CA LEU A 247 2.37 10.82 -19.72
C LEU A 247 1.12 11.54 -19.25
N SER A 248 1.09 12.85 -19.47
CA SER A 248 -0.08 13.67 -19.16
C SER A 248 -1.31 13.28 -19.98
N CYS A 249 -1.07 12.66 -21.13
CA CYS A 249 -2.17 12.31 -22.04
C CYS A 249 -2.58 10.84 -21.95
N LEU A 250 -2.17 10.16 -20.88
CA LEU A 250 -2.56 8.76 -20.68
C LEU A 250 -3.47 8.62 -19.46
N LYS A 251 -4.39 7.66 -19.52
CA LYS A 251 -5.43 7.49 -18.50
C LYS A 251 -4.89 7.44 -17.07
N PHE A 252 -3.90 6.60 -16.83
CA PHE A 252 -3.43 6.36 -15.48
C PHE A 252 -2.33 7.34 -15.05
N SER A 253 -1.32 7.54 -15.88
CA SER A 253 -0.20 8.42 -15.54
C SER A 253 -0.61 9.90 -15.42
N SER A 254 -1.69 10.30 -16.08
CA SER A 254 -2.18 11.67 -15.99
C SER A 254 -2.46 12.08 -14.55
N ASN A 255 -2.92 11.11 -13.76
CA ASN A 255 -3.18 11.36 -12.34
C ASN A 255 -1.90 11.55 -11.55
N VAL A 256 -0.84 10.85 -11.95
CA VAL A 256 0.46 10.98 -11.30
C VAL A 256 1.04 12.36 -11.58
N VAL A 257 0.88 12.83 -12.82
CA VAL A 257 1.34 14.16 -13.21
C VAL A 257 0.66 15.25 -12.38
N GLU A 258 -0.66 15.15 -12.26
CA GLU A 258 -1.43 16.11 -11.47
C GLU A 258 -0.97 16.13 -10.00
N LYS A 259 -0.80 14.96 -9.42
CA LYS A 259 -0.38 14.88 -8.02
C LYS A 259 1.01 15.48 -7.86
N PHE A 260 1.87 15.26 -8.85
CA PHE A 260 3.22 15.79 -8.85
C PHE A 260 3.19 17.33 -8.87
N ILE A 261 2.37 17.87 -9.77
CA ILE A 261 2.23 19.32 -9.90
C ILE A 261 1.67 19.96 -8.62
N LYS A 262 0.59 19.39 -8.09
CA LYS A 262 0.02 19.88 -6.84
C LYS A 262 1.03 19.84 -5.70
N LYS A 263 1.88 18.81 -5.70
CA LYS A 263 2.91 18.68 -4.67
C LYS A 263 3.93 19.81 -4.77
N LEU A 264 4.31 20.15 -5.99
CA LEU A 264 5.23 21.27 -6.24
C LEU A 264 4.65 22.57 -5.72
N PHE A 265 3.39 22.83 -6.06
CA PHE A 265 2.68 24.02 -5.62
C PHE A 265 2.62 24.10 -4.09
N ARG A 266 2.26 22.99 -3.45
CA ARG A 266 2.09 22.97 -1.99
C ARG A 266 3.39 23.23 -1.25
N ILE A 267 4.49 22.67 -1.74
CA ILE A 267 5.80 22.87 -1.14
C ILE A 267 6.23 24.35 -1.20
N ILE A 268 6.10 24.94 -2.39
CA ILE A 268 6.54 26.31 -2.62
C ILE A 268 5.69 27.33 -1.86
N THR A 269 4.37 27.16 -1.90
CA THR A 269 3.47 28.08 -1.19
C THR A 269 3.59 27.97 0.33
N GLY A 270 3.81 26.75 0.82
CA GLY A 270 3.99 26.53 2.24
C GLY A 270 5.21 27.27 2.77
N PHE A 271 6.23 27.35 1.94
CA PHE A 271 7.44 28.11 2.24
C PHE A 271 7.15 29.60 2.35
N ILE A 272 6.35 30.11 1.41
CA ILE A 272 6.07 31.54 1.29
C ILE A 272 5.10 32.05 2.36
N VAL A 273 4.11 31.24 2.72
CA VAL A 273 3.24 31.50 3.86
C VAL A 273 4.08 31.80 5.11
N ASN A 274 5.17 31.04 5.27
CA ASN A 274 6.10 31.25 6.36
C ASN A 274 7.12 32.36 6.08
N ASN A 275 6.60 33.53 5.72
CA ASN A 275 7.39 34.74 5.53
C ASN A 275 6.54 35.97 5.80
N VAL A 285 6.64 22.87 7.35
CA VAL A 285 7.46 23.49 6.32
C VAL A 285 8.62 22.60 5.90
N ALA A 286 8.79 22.42 4.59
CA ALA A 286 9.84 21.57 4.04
C ALA A 286 11.22 22.23 4.13
N SER A 287 12.27 21.43 4.05
CA SER A 287 13.65 21.93 4.06
C SER A 287 13.92 22.82 2.85
N ASP A 288 15.00 23.59 2.93
CA ASP A 288 15.33 24.53 1.85
C ASP A 288 15.61 23.84 0.51
N ASP A 289 16.44 22.80 0.52
CA ASP A 289 16.82 22.13 -0.72
C ASP A 289 15.63 21.51 -1.46
N VAL A 290 14.67 20.99 -0.70
CA VAL A 290 13.40 20.53 -1.26
C VAL A 290 12.70 21.67 -2.02
N ILE A 291 12.77 22.87 -1.44
CA ILE A 291 12.11 24.05 -2.00
C ILE A 291 12.81 24.59 -3.26
N ASN A 292 14.13 24.71 -3.20
CA ASN A 292 14.93 25.16 -4.35
C ASN A 292 14.71 24.25 -5.57
N ALA A 293 14.67 22.94 -5.30
CA ALA A 293 14.48 21.95 -6.35
C ALA A 293 13.10 22.10 -6.98
N SER A 294 12.08 22.25 -6.14
CA SER A 294 10.70 22.37 -6.61
C SER A 294 10.49 23.56 -7.54
N MET A 295 11.16 24.67 -7.23
CA MET A 295 11.01 25.89 -8.01
C MET A 295 11.47 25.72 -9.47
N ASN A 296 12.64 25.13 -9.65
CA ASN A 296 13.19 24.90 -11.00
C ASN A 296 12.35 23.92 -11.82
N ILE A 297 11.82 22.90 -11.16
CA ILE A 297 11.01 21.88 -11.82
C ILE A 297 9.65 22.45 -12.25
N LEU A 298 9.07 23.28 -11.39
CA LEU A 298 7.79 23.91 -11.70
C LEU A 298 7.92 24.81 -12.94
N LEU A 299 8.95 25.65 -12.94
CA LEU A 299 9.21 26.53 -14.07
C LEU A 299 9.45 25.74 -15.36
N THR A 300 10.23 24.67 -15.24
CA THR A 300 10.49 23.79 -16.37
C THR A 300 9.20 23.11 -16.84
N THR A 301 8.35 22.74 -15.89
CA THR A 301 7.05 22.12 -16.19
C THR A 301 6.13 23.08 -16.93
N ILE A 302 6.16 24.36 -16.53
CA ILE A 302 5.34 25.38 -17.19
C ILE A 302 5.82 25.56 -18.64
N ASP A 303 7.13 25.53 -18.84
CA ASP A 303 7.71 25.62 -20.19
C ASP A 303 7.23 24.48 -21.08
N ILE A 304 7.24 23.26 -20.54
CA ILE A 304 6.83 22.08 -21.30
C ILE A 304 5.34 22.13 -21.66
N PHE A 305 4.50 22.47 -20.70
CA PHE A 305 3.06 22.61 -20.94
C PHE A 305 2.75 23.76 -21.89
N THR A 306 3.60 24.78 -21.89
CA THR A 306 3.43 25.91 -22.80
C THR A 306 3.74 25.49 -24.25
N VAL A 307 4.87 24.84 -24.44
CA VAL A 307 5.26 24.33 -25.74
C VAL A 307 4.22 23.36 -26.30
N ASN A 308 3.70 22.49 -25.44
CA ASN A 308 2.77 21.45 -25.85
C ASN A 308 1.31 21.76 -25.58
N LEU A 309 1.01 23.06 -25.41
CA LEU A 309 -0.34 23.51 -25.01
C LEU A 309 -1.42 23.03 -25.97
N ASN A 310 -1.11 23.05 -27.26
CA ASN A 310 -2.09 22.70 -28.30
C ASN A 310 -2.58 21.25 -28.22
N VAL A 311 -1.70 20.34 -27.82
CA VAL A 311 -2.03 18.93 -27.66
C VAL A 311 -2.77 18.70 -26.35
N LEU A 312 -2.26 19.30 -25.28
CA LEU A 312 -2.77 19.10 -23.93
C LEU A 312 -4.21 19.62 -23.74
N ILE A 313 -4.49 20.81 -24.26
CA ILE A 313 -5.81 21.42 -24.08
C ILE A 313 -6.89 20.62 -24.80
N ARG A 314 -6.45 19.78 -25.74
CA ARG A 314 -7.32 19.06 -26.66
C ARG A 314 -7.48 17.60 -26.25
N ASP A 315 -6.57 17.13 -25.39
CA ASP A 315 -6.51 15.71 -25.04
C ASP A 315 -7.50 15.32 -23.94
N ASN A 316 -8.08 14.13 -24.06
CA ASN A 316 -9.08 13.62 -23.11
C ASN A 316 -8.58 13.58 -21.66
N PHE A 317 -7.28 13.40 -21.49
CA PHE A 317 -6.69 13.31 -20.17
C PHE A 317 -5.77 14.49 -19.88
N GLY A 318 -5.04 14.92 -20.91
CA GLY A 318 -4.10 16.03 -20.79
C GLY A 318 -4.71 17.33 -20.30
N ASN A 319 -5.98 17.55 -20.62
CA ASN A 319 -6.66 18.78 -20.22
C ASN A 319 -6.76 18.91 -18.70
N TYR A 320 -6.82 17.78 -18.01
CA TYR A 320 -6.88 17.77 -16.55
C TYR A 320 -5.56 18.25 -15.94
N ALA A 321 -4.45 17.74 -16.46
CA ALA A 321 -3.13 18.18 -16.00
C ALA A 321 -2.92 19.66 -16.29
N LEU A 322 -3.39 20.10 -17.46
CA LEU A 322 -3.30 21.51 -17.83
C LEU A 322 -4.11 22.39 -16.87
N GLN A 323 -5.35 21.99 -16.62
CA GLN A 323 -6.23 22.72 -15.71
C GLN A 323 -5.65 22.81 -14.29
N THR A 324 -4.99 21.74 -13.85
CA THR A 324 -4.37 21.72 -12.53
C THR A 324 -3.25 22.75 -12.46
N LEU A 325 -2.46 22.85 -13.53
CA LEU A 325 -1.36 23.81 -13.57
C LEU A 325 -1.87 25.25 -13.67
N LEU A 326 -3.04 25.43 -14.27
CA LEU A 326 -3.59 26.76 -14.53
C LEU A 326 -4.41 27.31 -13.36
N ASP A 327 -4.80 26.43 -12.43
CA ASP A 327 -5.71 26.81 -11.36
C ASP A 327 -5.07 27.73 -10.31
N VAL A 328 -5.49 28.99 -10.30
CA VAL A 328 -4.93 30.01 -9.40
C VAL A 328 -5.12 29.67 -7.91
N LYS A 329 -6.03 28.76 -7.61
CA LYS A 329 -6.22 28.30 -6.24
C LYS A 329 -4.97 27.63 -5.71
N ASN A 330 -4.21 27.01 -6.61
CA ASN A 330 -3.02 26.27 -6.24
C ASN A 330 -1.78 27.15 -6.01
N TYR A 331 -1.80 28.37 -6.54
CA TYR A 331 -0.58 29.19 -6.55
C TYR A 331 -0.78 30.69 -6.30
N SER A 332 -1.93 31.09 -5.76
CA SER A 332 -2.21 32.51 -5.55
C SER A 332 -1.17 33.25 -4.66
N PRO A 333 -0.64 32.61 -3.60
CA PRO A 333 0.40 33.31 -2.84
C PRO A 333 1.67 33.59 -3.66
N LEU A 334 1.88 32.88 -4.76
CA LEU A 334 3.05 33.08 -5.61
C LEU A 334 2.91 34.32 -6.50
N LEU A 335 1.71 34.92 -6.48
CA LEU A 335 1.43 36.09 -7.32
C LEU A 335 1.63 37.39 -6.56
N ASN A 353 16.06 32.36 -3.01
CA ASN A 353 15.69 33.68 -3.50
C ASN A 353 14.27 33.70 -4.09
N TYR A 354 13.29 33.81 -3.20
CA TYR A 354 11.88 33.80 -3.58
C TYR A 354 11.50 35.00 -4.46
N GLY A 355 12.26 36.08 -4.35
CA GLY A 355 12.01 37.27 -5.14
C GLY A 355 12.08 37.02 -6.64
N ASN A 356 13.20 36.46 -7.09
CA ASN A 356 13.38 36.16 -8.51
C ASN A 356 12.44 35.08 -9.02
N PHE A 357 12.24 34.03 -8.22
CA PHE A 357 11.34 32.95 -8.62
C PHE A 357 9.92 33.42 -8.84
N CYS A 358 9.35 34.07 -7.83
CA CYS A 358 7.97 34.57 -7.89
C CYS A 358 7.75 35.47 -9.09
N ASN A 359 8.81 36.18 -9.51
CA ASN A 359 8.78 37.01 -10.71
C ASN A 359 8.81 36.18 -11.98
N ASP A 360 9.67 35.16 -12.02
CA ASP A 360 9.75 34.27 -13.17
C ASP A 360 8.47 33.44 -13.32
N PHE A 361 7.91 33.01 -12.20
CA PHE A 361 6.68 32.23 -12.22
C PHE A 361 5.51 33.04 -12.79
N SER A 362 5.32 34.24 -12.26
CA SER A 362 4.23 35.11 -12.71
C SER A 362 4.29 35.38 -14.19
N LEU A 363 5.50 35.55 -14.71
CA LEU A 363 5.72 35.77 -16.13
C LEU A 363 5.32 34.55 -16.95
N LYS A 364 5.85 33.39 -16.60
CA LYS A 364 5.59 32.16 -17.35
C LYS A 364 4.14 31.70 -17.27
N ILE A 365 3.53 31.83 -16.09
CA ILE A 365 2.15 31.39 -15.91
C ILE A 365 1.19 32.36 -16.58
N GLY A 366 1.54 33.65 -16.58
CA GLY A 366 0.75 34.66 -17.25
C GLY A 366 0.77 34.44 -18.75
N ASN A 367 1.93 34.10 -19.28
CA ASN A 367 2.08 33.80 -20.69
C ASN A 367 1.27 32.57 -21.10
N LEU A 368 1.26 31.56 -20.24
CA LEU A 368 0.48 30.36 -20.50
C LEU A 368 -1.02 30.67 -20.51
N ILE A 369 -1.44 31.55 -19.61
CA ILE A 369 -2.84 31.96 -19.54
C ILE A 369 -3.30 32.63 -20.84
N VAL A 370 -2.51 33.56 -21.36
CA VAL A 370 -2.90 34.28 -22.57
C VAL A 370 -2.90 33.35 -23.79
N LEU A 371 -1.94 32.43 -23.86
CA LEU A 371 -1.90 31.45 -24.94
C LEU A 371 -3.12 30.53 -24.87
N THR A 372 -3.50 30.18 -23.65
CA THR A 372 -4.69 29.35 -23.43
C THR A 372 -5.95 30.08 -23.89
N LYS A 373 -6.06 31.37 -23.54
CA LYS A 373 -7.22 32.18 -23.91
C LYS A 373 -7.37 32.28 -25.43
N GLU A 374 -6.25 32.40 -26.14
CA GLU A 374 -6.25 32.48 -27.60
C GLU A 374 -6.77 31.20 -28.23
N LEU A 375 -6.57 30.08 -27.55
CA LEU A 375 -6.91 28.76 -28.08
C LEU A 375 -8.36 28.37 -27.81
N LEU A 376 -9.01 29.11 -26.91
CA LEU A 376 -10.40 28.80 -26.51
C LEU A 376 -11.40 28.59 -27.66
N PRO A 377 -11.37 29.44 -28.71
CA PRO A 377 -12.31 29.15 -29.80
C PRO A 377 -11.97 27.88 -30.59
N SER A 378 -10.75 27.37 -30.44
CA SER A 378 -10.33 26.18 -31.19
C SER A 378 -10.77 24.88 -30.53
N ILE A 379 -11.33 24.97 -29.32
CA ILE A 379 -11.83 23.81 -28.59
C ILE A 379 -13.30 23.99 -28.19
N LYS A 380 -14.01 24.87 -28.88
CA LYS A 380 -15.40 25.19 -28.63
C LYS A 380 -16.30 23.95 -28.52
N THR A 381 -15.96 22.92 -29.30
CA THR A 381 -16.71 21.67 -29.32
C THR A 381 -16.71 20.94 -27.97
N THR A 382 -15.52 20.82 -27.37
CA THR A 382 -15.33 20.04 -26.13
C THR A 382 -16.29 20.42 -25.00
N SER A 383 -16.50 19.50 -24.07
CA SER A 383 -17.45 19.71 -22.97
C SER A 383 -16.82 20.46 -21.80
N TYR A 384 -15.50 20.60 -21.83
CA TYR A 384 -14.77 21.21 -20.72
C TYR A 384 -14.20 22.59 -21.05
N ALA A 385 -14.61 23.16 -22.18
CA ALA A 385 -14.13 24.47 -22.59
C ALA A 385 -14.45 25.53 -21.54
N LYS A 386 -15.67 25.49 -21.02
CA LYS A 386 -16.13 26.47 -20.04
C LYS A 386 -15.32 26.41 -18.74
N LYS A 387 -14.84 25.23 -18.38
CA LYS A 387 -14.02 25.06 -17.18
C LYS A 387 -12.68 25.77 -17.34
N ILE A 388 -12.07 25.61 -18.50
CA ILE A 388 -10.80 26.25 -18.80
C ILE A 388 -10.99 27.78 -18.90
N LYS A 389 -12.13 28.19 -19.45
CA LYS A 389 -12.46 29.61 -19.54
C LYS A 389 -12.61 30.22 -18.15
N LEU A 390 -13.24 29.48 -17.23
CA LEU A 390 -13.42 29.95 -15.86
C LEU A 390 -12.09 30.16 -15.15
N LYS A 391 -11.16 29.22 -15.35
CA LYS A 391 -9.83 29.33 -14.78
C LYS A 391 -9.05 30.52 -15.32
N VAL A 392 -9.18 30.77 -16.62
CA VAL A 392 -8.59 31.96 -17.25
C VAL A 392 -9.14 33.21 -16.58
N LYS A 393 -10.45 33.24 -16.40
CA LYS A 393 -11.16 34.35 -15.76
C LYS A 393 -10.73 34.53 -14.31
N ALA A 394 -10.58 33.42 -13.59
CA ALA A 394 -10.19 33.45 -12.18
C ALA A 394 -8.77 34.00 -12.00
N TYR A 395 -7.88 33.67 -12.93
CA TYR A 395 -6.54 34.25 -12.94
C TYR A 395 -6.62 35.76 -13.06
N ALA A 396 -7.46 36.24 -13.97
CA ALA A 396 -7.64 37.67 -14.19
C ALA A 396 -8.16 38.38 -12.94
N GLU A 397 -9.13 37.77 -12.29
CA GLU A 397 -9.74 38.35 -11.09
C GLU A 397 -8.76 38.45 -9.93
N ALA A 398 -7.75 37.59 -9.93
CA ALA A 398 -6.77 37.55 -8.83
C ALA A 398 -5.59 38.49 -9.08
N THR A 399 -5.42 38.91 -10.33
CA THR A 399 -4.27 39.72 -10.72
C THR A 399 -4.62 41.12 -11.19
#